data_1KZ5
#
_entry.id   1KZ5
#
_entity_poly.entity_id   1
_entity_poly.type   'polypeptide(L)'
_entity_poly.pdbx_seq_one_letter_code
;RQIKIWFRKWKK
;
_entity_poly.pdbx_strand_id   A
#
# COMPACT_ATOMS: atom_id res chain seq x y z
N ARG A 1 -8.48 -1.74 3.01
CA ARG A 1 -8.81 -0.34 3.38
C ARG A 1 -7.59 0.35 4.00
N GLN A 2 -6.74 -0.40 4.65
CA GLN A 2 -5.52 0.21 5.28
C GLN A 2 -4.65 0.85 4.21
N ILE A 3 -4.47 0.17 3.10
CA ILE A 3 -3.66 0.71 1.98
C ILE A 3 -2.40 1.46 2.46
N LYS A 4 -1.72 0.94 3.44
CA LYS A 4 -0.47 1.60 3.91
C LYS A 4 0.70 0.67 3.67
N ILE A 5 0.54 -0.58 4.00
CA ILE A 5 1.63 -1.57 3.73
C ILE A 5 1.64 -1.82 2.23
N TRP A 6 0.46 -1.77 1.65
CA TRP A 6 0.31 -1.97 0.18
C TRP A 6 1.03 -0.83 -0.52
N PHE A 7 0.62 0.35 -0.20
CA PHE A 7 1.26 1.56 -0.79
C PHE A 7 2.78 1.46 -0.64
N ARG A 8 3.22 0.64 0.27
CA ARG A 8 4.67 0.47 0.51
C ARG A 8 5.26 -0.65 -0.35
N LYS A 9 4.42 -1.49 -0.91
CA LYS A 9 4.94 -2.61 -1.75
C LYS A 9 4.97 -2.20 -3.22
N TRP A 10 3.82 -2.06 -3.84
CA TRP A 10 3.78 -1.68 -5.27
C TRP A 10 3.81 -0.13 -5.38
N LYS A 11 2.73 0.46 -5.83
CA LYS A 11 2.66 1.93 -5.95
C LYS A 11 1.18 2.30 -5.98
N LYS A 12 0.42 1.60 -5.17
CA LYS A 12 -1.05 1.81 -5.12
C LYS A 12 -1.42 3.28 -5.36
N ARG A 1 -10.09 -0.72 4.78
CA ARG A 1 -9.30 0.17 3.87
C ARG A 1 -7.98 0.55 4.53
N GLN A 2 -6.95 -0.24 4.34
CA GLN A 2 -5.63 0.07 4.96
C GLN A 2 -4.69 0.65 3.92
N ILE A 3 -4.45 -0.07 2.86
CA ILE A 3 -3.57 0.42 1.77
C ILE A 3 -2.30 1.13 2.28
N LYS A 4 -1.72 0.63 3.33
CA LYS A 4 -0.47 1.26 3.85
C LYS A 4 0.70 0.30 3.64
N ILE A 5 0.53 -0.93 4.01
CA ILE A 5 1.61 -1.94 3.77
C ILE A 5 1.67 -2.21 2.26
N TRP A 6 0.61 -1.83 1.58
CA TRP A 6 0.54 -2.02 0.12
C TRP A 6 1.19 -0.84 -0.57
N PHE A 7 0.70 0.31 -0.23
CA PHE A 7 1.27 1.57 -0.80
C PHE A 7 2.79 1.58 -0.63
N ARG A 8 3.27 0.79 0.29
CA ARG A 8 4.72 0.72 0.56
C ARG A 8 5.39 -0.36 -0.29
N LYS A 9 4.63 -1.22 -0.92
CA LYS A 9 5.25 -2.29 -1.75
C LYS A 9 5.29 -1.86 -3.22
N TRP A 10 4.16 -1.87 -3.88
CA TRP A 10 4.13 -1.47 -5.31
C TRP A 10 4.00 0.06 -5.42
N LYS A 11 2.89 0.55 -5.89
CA LYS A 11 2.67 2.01 -6.00
C LYS A 11 1.16 2.23 -6.10
N LYS A 12 0.44 1.45 -5.34
CA LYS A 12 -1.05 1.51 -5.34
C LYS A 12 -1.55 2.92 -5.65
N ARG A 1 -9.95 0.09 3.62
CA ARG A 1 -8.73 -0.78 3.62
C ARG A 1 -7.53 0.00 4.19
N GLN A 2 -6.63 -0.67 4.82
CA GLN A 2 -5.43 0.02 5.40
C GLN A 2 -4.63 0.67 4.28
N ILE A 3 -4.48 -0.02 3.18
CA ILE A 3 -3.73 0.53 2.02
C ILE A 3 -2.46 1.31 2.44
N LYS A 4 -1.76 0.82 3.42
CA LYS A 4 -0.52 1.51 3.83
C LYS A 4 0.68 0.60 3.56
N ILE A 5 0.56 -0.65 3.91
CA ILE A 5 1.66 -1.61 3.61
C ILE A 5 1.66 -1.82 2.10
N TRP A 6 0.48 -1.79 1.54
CA TRP A 6 0.32 -1.95 0.07
C TRP A 6 1.02 -0.79 -0.61
N PHE A 7 0.60 0.38 -0.26
CA PHE A 7 1.23 1.61 -0.81
C PHE A 7 2.75 1.53 -0.62
N ARG A 8 3.18 0.69 0.28
CA ARG A 8 4.62 0.55 0.55
C ARG A 8 5.25 -0.57 -0.28
N LYS A 9 4.44 -1.40 -0.88
CA LYS A 9 5.00 -2.51 -1.71
C LYS A 9 5.12 -2.05 -3.17
N TRP A 10 4.03 -1.99 -3.87
CA TRP A 10 4.07 -1.56 -5.29
C TRP A 10 4.00 -0.03 -5.35
N LYS A 11 2.92 0.51 -5.85
CA LYS A 11 2.77 1.99 -5.92
C LYS A 11 1.28 2.27 -6.03
N LYS A 12 0.49 1.45 -5.38
CA LYS A 12 -0.99 1.57 -5.45
C LYS A 12 -1.44 3.03 -5.59
N ARG A 1 -9.60 -0.90 3.92
CA ARG A 1 -8.87 0.04 3.03
C ARG A 1 -7.66 0.62 3.76
N GLN A 2 -6.72 -0.22 4.13
CA GLN A 2 -5.52 0.27 4.85
C GLN A 2 -4.54 0.92 3.87
N ILE A 3 -4.37 0.31 2.73
CA ILE A 3 -3.46 0.87 1.69
C ILE A 3 -2.17 1.47 2.28
N LYS A 4 -1.60 0.84 3.27
CA LYS A 4 -0.35 1.35 3.86
C LYS A 4 0.76 0.34 3.63
N ILE A 5 0.47 -0.92 3.86
CA ILE A 5 1.48 -1.98 3.57
C ILE A 5 1.60 -2.07 2.06
N TRP A 6 0.50 -1.84 1.40
CA TRP A 6 0.47 -1.87 -0.09
C TRP A 6 1.33 -0.74 -0.60
N PHE A 7 0.98 0.44 -0.19
CA PHE A 7 1.74 1.65 -0.59
C PHE A 7 3.23 1.43 -0.29
N ARG A 8 3.52 0.49 0.56
CA ARG A 8 4.92 0.20 0.93
C ARG A 8 5.57 -0.76 -0.07
N LYS A 9 4.79 -1.38 -0.91
CA LYS A 9 5.36 -2.33 -1.91
C LYS A 9 5.29 -1.73 -3.31
N TRP A 10 4.14 -1.72 -3.91
CA TRP A 10 4.00 -1.16 -5.27
C TRP A 10 3.62 0.34 -5.16
N LYS A 11 2.45 0.71 -5.60
CA LYS A 11 2.00 2.11 -5.51
C LYS A 11 0.48 2.08 -5.60
N LYS A 12 -0.10 1.07 -5.01
CA LYS A 12 -1.58 0.87 -5.05
C LYS A 12 -2.32 2.21 -4.94
N ARG A 1 -9.47 -1.13 3.81
CA ARG A 1 -9.36 0.17 4.52
C ARG A 1 -8.00 0.28 5.22
N GLN A 2 -6.94 -0.01 4.53
CA GLN A 2 -5.59 0.08 5.15
C GLN A 2 -4.60 0.72 4.18
N ILE A 3 -4.48 0.17 3.00
CA ILE A 3 -3.57 0.73 1.97
C ILE A 3 -2.26 1.28 2.57
N LYS A 4 -1.70 0.61 3.53
CA LYS A 4 -0.42 1.08 4.10
C LYS A 4 0.67 0.05 3.80
N ILE A 5 0.37 -1.21 3.96
CA ILE A 5 1.36 -2.26 3.63
C ILE A 5 1.42 -2.36 2.11
N TRP A 6 0.45 -1.78 1.46
CA TRP A 6 0.38 -1.78 -0.02
C TRP A 6 1.14 -0.58 -0.55
N PHE A 7 0.73 0.56 -0.10
CA PHE A 7 1.40 1.82 -0.51
C PHE A 7 2.91 1.69 -0.29
N ARG A 8 3.30 0.77 0.53
CA ARG A 8 4.72 0.57 0.85
C ARG A 8 5.34 -0.56 0.01
N LYS A 9 4.57 -1.16 -0.87
CA LYS A 9 5.12 -2.26 -1.70
C LYS A 9 5.24 -1.83 -3.16
N TRP A 10 4.16 -1.79 -3.88
CA TRP A 10 4.21 -1.39 -5.31
C TRP A 10 4.03 0.15 -5.42
N LYS A 11 2.93 0.60 -5.95
CA LYS A 11 2.70 2.07 -6.07
C LYS A 11 1.23 2.29 -6.40
N LYS A 12 0.39 1.41 -5.92
CA LYS A 12 -1.08 1.48 -6.18
C LYS A 12 -1.46 2.50 -7.25
N ARG A 1 -8.34 -1.42 2.58
CA ARG A 1 -8.85 -0.39 3.52
C ARG A 1 -7.68 0.38 4.13
N GLN A 2 -6.73 -0.30 4.70
CA GLN A 2 -5.56 0.39 5.30
C GLN A 2 -4.64 0.93 4.21
N ILE A 3 -4.50 0.21 3.14
CA ILE A 3 -3.66 0.65 2.01
C ILE A 3 -2.38 1.39 2.45
N LYS A 4 -1.69 0.88 3.42
CA LYS A 4 -0.44 1.54 3.86
C LYS A 4 0.73 0.59 3.62
N ILE A 5 0.59 -0.65 4.00
CA ILE A 5 1.66 -1.65 3.72
C ILE A 5 1.65 -1.90 2.22
N TRP A 6 0.48 -1.84 1.66
CA TRP A 6 0.32 -2.01 0.19
C TRP A 6 1.02 -0.88 -0.51
N PHE A 7 0.61 0.29 -0.19
CA PHE A 7 1.24 1.51 -0.78
C PHE A 7 2.76 1.43 -0.61
N ARG A 8 3.20 0.61 0.31
CA ARG A 8 4.65 0.46 0.57
C ARG A 8 5.26 -0.64 -0.30
N LYS A 9 4.45 -1.46 -0.92
CA LYS A 9 4.99 -2.55 -1.77
C LYS A 9 5.05 -2.09 -3.23
N TRP A 10 3.92 -1.98 -3.87
CA TRP A 10 3.89 -1.55 -5.29
C TRP A 10 3.83 -0.01 -5.35
N LYS A 11 2.74 0.53 -5.83
CA LYS A 11 2.59 2.01 -5.91
C LYS A 11 1.09 2.27 -5.97
N LYS A 12 0.34 1.51 -5.21
CA LYS A 12 -1.13 1.63 -5.19
C LYS A 12 -1.59 3.09 -5.34
N ARG A 1 -9.85 -1.21 4.91
CA ARG A 1 -9.28 -0.11 4.08
C ARG A 1 -8.01 0.44 4.76
N GLN A 2 -6.87 -0.11 4.44
CA GLN A 2 -5.60 0.38 5.05
C GLN A 2 -4.65 0.89 3.97
N ILE A 3 -4.52 0.15 2.90
CA ILE A 3 -3.65 0.58 1.77
C ILE A 3 -2.37 1.29 2.24
N LYS A 4 -1.74 0.82 3.27
CA LYS A 4 -0.48 1.46 3.73
C LYS A 4 0.68 0.49 3.53
N ILE A 5 0.50 -0.75 3.91
CA ILE A 5 1.57 -1.76 3.67
C ILE A 5 1.60 -2.00 2.17
N TRP A 6 0.45 -1.95 1.56
CA TRP A 6 0.33 -2.13 0.10
C TRP A 6 1.06 -1.00 -0.60
N PHE A 7 0.63 0.19 -0.29
CA PHE A 7 1.26 1.40 -0.87
C PHE A 7 2.78 1.33 -0.66
N ARG A 8 3.20 0.51 0.27
CA ARG A 8 4.64 0.39 0.57
C ARG A 8 5.30 -0.70 -0.29
N LYS A 9 4.54 -1.39 -1.10
CA LYS A 9 5.15 -2.46 -1.94
C LYS A 9 5.29 -1.97 -3.39
N TRP A 10 4.19 -1.72 -4.04
CA TRP A 10 4.25 -1.25 -5.45
C TRP A 10 4.19 0.29 -5.49
N LYS A 11 3.03 0.84 -5.39
CA LYS A 11 2.87 2.33 -5.40
C LYS A 11 1.42 2.62 -5.06
N LYS A 12 0.53 1.90 -5.70
CA LYS A 12 -0.92 2.05 -5.43
C LYS A 12 -1.72 1.18 -6.40
N ARG A 1 -8.98 -0.75 3.01
CA ARG A 1 -9.20 -0.50 4.48
C ARG A 1 -7.94 0.08 5.11
N GLN A 2 -6.83 -0.57 4.96
CA GLN A 2 -5.56 -0.05 5.55
C GLN A 2 -4.69 0.58 4.47
N ILE A 3 -4.53 -0.10 3.36
CA ILE A 3 -3.73 0.43 2.24
C ILE A 3 -2.46 1.19 2.69
N LYS A 4 -1.77 0.70 3.68
CA LYS A 4 -0.54 1.37 4.13
C LYS A 4 0.66 0.46 3.86
N ILE A 5 0.55 -0.79 4.22
CA ILE A 5 1.66 -1.74 3.92
C ILE A 5 1.61 -2.06 2.43
N TRP A 6 0.51 -1.73 1.81
CA TRP A 6 0.33 -1.97 0.35
C TRP A 6 0.92 -0.81 -0.41
N PHE A 7 0.46 0.35 -0.07
CA PHE A 7 0.97 1.60 -0.72
C PHE A 7 2.50 1.59 -0.69
N ARG A 8 3.06 0.82 0.20
CA ARG A 8 4.53 0.76 0.34
C ARG A 8 5.12 -0.42 -0.45
N LYS A 9 4.29 -1.34 -0.89
CA LYS A 9 4.81 -2.52 -1.64
C LYS A 9 4.92 -2.20 -3.14
N TRP A 10 3.81 -1.97 -3.79
CA TRP A 10 3.85 -1.67 -5.24
C TRP A 10 4.04 -0.16 -5.45
N LYS A 11 3.07 0.52 -6.01
CA LYS A 11 3.19 1.97 -6.24
C LYS A 11 1.82 2.51 -6.63
N LYS A 12 0.78 1.91 -6.07
CA LYS A 12 -0.63 2.28 -6.38
C LYS A 12 -0.74 3.19 -7.62
N ARG A 1 -9.87 0.56 3.47
CA ARG A 1 -8.62 0.21 2.73
C ARG A 1 -7.40 0.60 3.57
N GLN A 2 -6.69 -0.38 4.07
CA GLN A 2 -5.48 -0.09 4.90
C GLN A 2 -4.44 0.66 4.07
N ILE A 3 -4.26 0.24 2.85
CA ILE A 3 -3.29 0.91 1.93
C ILE A 3 -1.99 1.34 2.64
N LYS A 4 -1.53 0.57 3.58
CA LYS A 4 -0.26 0.93 4.27
C LYS A 4 0.81 -0.11 3.92
N ILE A 5 0.46 -1.36 3.97
CA ILE A 5 1.42 -2.42 3.57
C ILE A 5 1.55 -2.38 2.05
N TRP A 6 0.57 -1.78 1.42
CA TRP A 6 0.57 -1.66 -0.07
C TRP A 6 1.41 -0.47 -0.45
N PHE A 7 1.05 0.65 0.09
CA PHE A 7 1.82 1.91 -0.18
C PHE A 7 3.30 1.66 0.06
N ARG A 8 3.61 0.63 0.81
CA ARG A 8 5.02 0.31 1.13
C ARG A 8 5.62 -0.67 0.11
N LYS A 9 4.84 -1.12 -0.83
CA LYS A 9 5.39 -2.09 -1.84
C LYS A 9 5.29 -1.50 -3.25
N TRP A 10 4.13 -1.56 -3.85
CA TRP A 10 3.95 -1.02 -5.21
C TRP A 10 3.45 0.43 -5.15
N LYS A 11 2.25 0.68 -5.63
CA LYS A 11 1.70 2.07 -5.58
C LYS A 11 0.21 1.99 -5.89
N LYS A 12 -0.40 0.89 -5.50
CA LYS A 12 -1.86 0.65 -5.76
C LYS A 12 -2.47 1.68 -6.72
N ARG A 1 -10.40 -0.24 5.23
CA ARG A 1 -9.21 -0.61 4.40
C ARG A 1 -7.95 0.04 4.98
N GLN A 2 -6.80 -0.52 4.71
CA GLN A 2 -5.53 0.06 5.24
C GLN A 2 -4.67 0.59 4.09
N ILE A 3 -4.54 -0.17 3.05
CA ILE A 3 -3.75 0.26 1.87
C ILE A 3 -2.50 1.08 2.25
N LYS A 4 -1.83 0.71 3.29
CA LYS A 4 -0.60 1.45 3.68
C LYS A 4 0.61 0.52 3.54
N ILE A 5 0.47 -0.68 4.00
CA ILE A 5 1.59 -1.67 3.83
C ILE A 5 1.60 -2.10 2.36
N TRP A 6 0.54 -1.80 1.67
CA TRP A 6 0.41 -2.13 0.23
C TRP A 6 0.99 -1.00 -0.58
N PHE A 7 0.45 0.16 -0.35
CA PHE A 7 0.93 1.39 -1.05
C PHE A 7 2.45 1.47 -0.93
N ARG A 8 3.00 0.80 0.05
CA ARG A 8 4.45 0.82 0.29
C ARG A 8 5.16 -0.31 -0.45
N LYS A 9 4.42 -1.30 -0.91
CA LYS A 9 5.05 -2.43 -1.63
C LYS A 9 5.21 -2.10 -3.11
N TRP A 10 4.12 -1.89 -3.79
CA TRP A 10 4.19 -1.57 -5.24
C TRP A 10 4.26 -0.03 -5.43
N LYS A 11 3.25 0.55 -6.01
CA LYS A 11 3.23 2.02 -6.21
C LYS A 11 1.76 2.40 -6.38
N LYS A 12 0.92 1.75 -5.63
CA LYS A 12 -0.55 1.99 -5.73
C LYS A 12 -0.86 3.47 -5.95
N ARG A 1 -9.76 -0.96 4.22
CA ARG A 1 -8.83 -0.26 3.28
C ARG A 1 -7.66 0.34 4.05
N GLN A 2 -6.74 -0.47 4.50
CA GLN A 2 -5.57 0.06 5.26
C GLN A 2 -4.60 0.75 4.31
N ILE A 3 -4.43 0.21 3.13
CA ILE A 3 -3.53 0.82 2.12
C ILE A 3 -2.23 1.37 2.72
N LYS A 4 -1.65 0.69 3.66
CA LYS A 4 -0.38 1.16 4.25
C LYS A 4 0.73 0.16 3.92
N ILE A 5 0.45 -1.10 4.09
CA ILE A 5 1.46 -2.14 3.73
C ILE A 5 1.48 -2.26 2.21
N TRP A 6 0.49 -1.69 1.58
CA TRP A 6 0.39 -1.70 0.09
C TRP A 6 1.17 -0.53 -0.46
N PHE A 7 0.82 0.61 0.02
CA PHE A 7 1.50 1.86 -0.41
C PHE A 7 3.02 1.67 -0.24
N ARG A 8 3.40 0.74 0.58
CA ARG A 8 4.84 0.48 0.84
C ARG A 8 5.34 -0.69 -0.01
N LYS A 9 4.51 -1.24 -0.86
CA LYS A 9 4.96 -2.39 -1.70
C LYS A 9 5.07 -1.96 -3.17
N TRP A 10 3.95 -1.82 -3.84
CA TRP A 10 3.98 -1.42 -5.27
C TRP A 10 3.84 0.11 -5.38
N LYS A 11 2.80 0.57 -6.01
CA LYS A 11 2.56 2.03 -6.17
C LYS A 11 1.11 2.19 -6.60
N LYS A 12 0.23 1.48 -5.93
CA LYS A 12 -1.21 1.49 -6.27
C LYS A 12 -1.67 2.86 -6.83
N ARG A 1 -9.10 -0.96 3.59
CA ARG A 1 -9.26 -0.38 4.96
C ARG A 1 -7.92 0.18 5.46
N GLN A 2 -6.85 -0.54 5.23
CA GLN A 2 -5.52 -0.06 5.69
C GLN A 2 -4.72 0.50 4.52
N ILE A 3 -4.60 -0.25 3.46
CA ILE A 3 -3.87 0.21 2.26
C ILE A 3 -2.61 1.05 2.59
N LYS A 4 -1.89 0.67 3.59
CA LYS A 4 -0.66 1.42 3.93
C LYS A 4 0.56 0.52 3.72
N ILE A 5 0.47 -0.70 4.17
CA ILE A 5 1.60 -1.64 3.94
C ILE A 5 1.56 -2.07 2.47
N TRP A 6 0.45 -1.78 1.83
CA TRP A 6 0.27 -2.10 0.40
C TRP A 6 0.83 -0.96 -0.42
N PHE A 7 0.32 0.18 -0.15
CA PHE A 7 0.79 1.42 -0.86
C PHE A 7 2.32 1.50 -0.76
N ARG A 8 2.88 0.79 0.18
CA ARG A 8 4.34 0.80 0.37
C ARG A 8 5.01 -0.39 -0.33
N LYS A 9 4.24 -1.26 -0.94
CA LYS A 9 4.84 -2.43 -1.62
C LYS A 9 4.96 -2.18 -3.13
N TRP A 10 3.87 -1.88 -3.78
CA TRP A 10 3.93 -1.63 -5.24
C TRP A 10 4.20 -0.14 -5.52
N LYS A 11 3.28 0.56 -6.12
CA LYS A 11 3.48 2.00 -6.41
C LYS A 11 2.15 2.58 -6.86
N LYS A 12 1.08 2.04 -6.33
CA LYS A 12 -0.29 2.48 -6.69
C LYS A 12 -0.31 3.46 -7.87
N ARG A 1 -10.51 0.58 4.96
CA ARG A 1 -9.44 -0.37 4.50
C ARG A 1 -8.09 0.05 5.09
N GLN A 2 -7.01 -0.46 4.55
CA GLN A 2 -5.67 -0.09 5.08
C GLN A 2 -4.79 0.43 3.94
N ILE A 3 -4.54 -0.39 2.96
CA ILE A 3 -3.72 0.03 1.79
C ILE A 3 -2.55 0.95 2.17
N LYS A 4 -1.83 0.64 3.22
CA LYS A 4 -0.69 1.48 3.61
C LYS A 4 0.60 0.66 3.48
N ILE A 5 0.59 -0.55 3.97
CA ILE A 5 1.78 -1.42 3.81
C ILE A 5 1.83 -1.82 2.34
N TRP A 6 0.68 -1.94 1.75
CA TRP A 6 0.57 -2.29 0.30
C TRP A 6 1.13 -1.16 -0.51
N PHE A 7 0.57 -0.02 -0.31
CA PHE A 7 1.04 1.22 -1.01
C PHE A 7 2.56 1.34 -0.84
N ARG A 8 3.10 0.68 0.15
CA ARG A 8 4.55 0.75 0.41
C ARG A 8 5.31 -0.32 -0.37
N LYS A 9 4.62 -1.24 -0.99
CA LYS A 9 5.31 -2.32 -1.76
C LYS A 9 5.33 -1.98 -3.25
N TRP A 10 4.18 -1.87 -3.87
CA TRP A 10 4.13 -1.55 -5.31
C TRP A 10 4.16 -0.02 -5.51
N LYS A 11 3.09 0.55 -5.98
CA LYS A 11 3.03 2.02 -6.18
C LYS A 11 1.55 2.39 -6.24
N LYS A 12 0.76 1.71 -5.45
CA LYS A 12 -0.71 1.93 -5.42
C LYS A 12 -1.07 3.39 -5.72
N ARG A 1 -9.29 -1.87 4.43
CA ARG A 1 -9.22 -0.43 4.05
C ARG A 1 -7.99 0.23 4.69
N GLN A 2 -6.83 -0.36 4.52
CA GLN A 2 -5.60 0.23 5.11
C GLN A 2 -4.70 0.80 4.02
N ILE A 3 -4.50 0.04 2.97
CA ILE A 3 -3.66 0.51 1.84
C ILE A 3 -2.38 1.26 2.28
N LYS A 4 -1.75 0.81 3.32
CA LYS A 4 -0.51 1.48 3.76
C LYS A 4 0.68 0.53 3.55
N ILE A 5 0.55 -0.69 3.99
CA ILE A 5 1.65 -1.67 3.76
C ILE A 5 1.64 -2.05 2.28
N TRP A 6 0.57 -1.71 1.61
CA TRP A 6 0.43 -1.99 0.17
C TRP A 6 1.04 -0.86 -0.60
N PHE A 7 0.56 0.31 -0.33
CA PHE A 7 1.09 1.54 -0.99
C PHE A 7 2.62 1.55 -0.86
N ARG A 8 3.13 0.82 0.08
CA ARG A 8 4.59 0.78 0.30
C ARG A 8 5.23 -0.40 -0.44
N LYS A 9 4.45 -1.37 -0.83
CA LYS A 9 5.00 -2.55 -1.56
C LYS A 9 4.96 -2.31 -3.08
N TRP A 10 3.80 -2.02 -3.60
CA TRP A 10 3.68 -1.79 -5.06
C TRP A 10 3.89 -0.30 -5.38
N LYS A 11 2.89 0.37 -5.86
CA LYS A 11 3.00 1.82 -6.18
C LYS A 11 1.59 2.36 -6.24
N LYS A 12 0.76 1.88 -5.35
CA LYS A 12 -0.67 2.29 -5.32
C LYS A 12 -0.85 3.77 -5.69
N ARG A 1 -10.01 -1.49 5.78
CA ARG A 1 -9.24 -0.84 4.67
C ARG A 1 -8.01 -0.12 5.25
N GLN A 2 -6.84 -0.49 4.81
CA GLN A 2 -5.60 0.18 5.33
C GLN A 2 -4.77 0.73 4.17
N ILE A 3 -4.60 -0.04 3.14
CA ILE A 3 -3.83 0.40 1.95
C ILE A 3 -2.57 1.20 2.31
N LYS A 4 -1.88 0.80 3.35
CA LYS A 4 -0.64 1.52 3.71
C LYS A 4 0.56 0.60 3.49
N ILE A 5 0.47 -0.61 3.96
CA ILE A 5 1.57 -1.58 3.73
C ILE A 5 1.53 -2.00 2.27
N TRP A 6 0.42 -1.71 1.64
CA TRP A 6 0.25 -2.04 0.19
C TRP A 6 0.81 -0.92 -0.63
N PHE A 7 0.30 0.24 -0.38
CA PHE A 7 0.79 1.45 -1.10
C PHE A 7 2.31 1.52 -1.02
N ARG A 8 2.88 0.83 -0.06
CA ARG A 8 4.33 0.83 0.13
C ARG A 8 4.99 -0.37 -0.55
N LYS A 9 4.21 -1.37 -0.90
CA LYS A 9 4.80 -2.57 -1.56
C LYS A 9 5.01 -2.31 -3.06
N TRP A 10 3.96 -2.00 -3.77
CA TRP A 10 4.08 -1.73 -5.22
C TRP A 10 4.37 -0.24 -5.43
N LYS A 11 3.45 0.48 -6.05
CA LYS A 11 3.63 1.93 -6.28
C LYS A 11 2.25 2.52 -6.50
N LYS A 12 1.27 1.95 -5.83
CA LYS A 12 -0.14 2.38 -5.99
C LYS A 12 -0.24 3.89 -6.20
N ARG A 1 -9.36 -1.72 4.17
CA ARG A 1 -9.19 -0.26 3.92
C ARG A 1 -7.97 0.28 4.67
N GLN A 2 -6.80 -0.19 4.33
CA GLN A 2 -5.57 0.30 5.03
C GLN A 2 -4.60 0.90 4.03
N ILE A 3 -4.45 0.29 2.90
CA ILE A 3 -3.54 0.81 1.84
C ILE A 3 -2.24 1.41 2.40
N LYS A 4 -1.68 0.80 3.40
CA LYS A 4 -0.41 1.34 3.95
C LYS A 4 0.69 0.29 3.74
N ILE A 5 0.39 -0.95 3.99
CA ILE A 5 1.38 -2.02 3.73
C ILE A 5 1.44 -2.25 2.22
N TRP A 6 0.48 -1.71 1.53
CA TRP A 6 0.42 -1.82 0.04
C TRP A 6 1.19 -0.68 -0.55
N PHE A 7 0.81 0.50 -0.16
CA PHE A 7 1.50 1.73 -0.64
C PHE A 7 3.02 1.57 -0.43
N ARG A 8 3.39 0.67 0.45
CA ARG A 8 4.81 0.46 0.76
C ARG A 8 5.41 -0.66 -0.12
N LYS A 9 4.58 -1.33 -0.88
CA LYS A 9 5.11 -2.43 -1.75
C LYS A 9 5.11 -2.00 -3.23
N TRP A 10 3.96 -1.94 -3.84
CA TRP A 10 3.90 -1.54 -5.27
C TRP A 10 3.86 -0.01 -5.39
N LYS A 11 2.75 0.55 -5.81
CA LYS A 11 2.65 2.03 -5.94
C LYS A 11 1.18 2.40 -6.08
N LYS A 12 0.33 1.60 -5.47
CA LYS A 12 -1.15 1.80 -5.54
C LYS A 12 -1.57 2.79 -6.64
#